data_1NXH
#
_entry.id   1NXH
#
_cell.length_a   80.223
_cell.length_b   80.223
_cell.length_c   106.246
_cell.angle_alpha   90.00
_cell.angle_beta   90.00
_cell.angle_gamma   90.00
#
_symmetry.space_group_name_H-M   'P 41 21 2'
#
_entity_poly.entity_id   1
_entity_poly.type   'polypeptide(L)'
_entity_poly.pdbx_seq_one_letter_code
;MDEGEL(MSE)RL(MSE)KRRILESYRWQEDVVKPLSRELEIDVEEFQDIL(MSE)DKLD(MSE)SSLEALHPRFESARP
RCIREKLHSDLQLCWLVDV(MSE)EIISVDDAEALKDEITELVLAGREYSEALSEGRRRLHEILRS
;
_entity_poly.pdbx_strand_id   A,B
#
# COMPACT_ATOMS: atom_id res chain seq x y z
N GLU A 3 30.17 -29.25 -0.12
CA GLU A 3 31.13 -28.85 -1.19
C GLU A 3 30.47 -28.00 -2.29
N GLY A 4 29.14 -27.87 -2.23
CA GLY A 4 28.43 -27.08 -3.21
C GLY A 4 28.74 -25.62 -3.04
N GLU A 5 30.00 -25.33 -2.72
CA GLU A 5 30.45 -23.97 -2.52
C GLU A 5 30.20 -23.10 -3.74
N LEU A 6 30.58 -23.59 -4.90
CA LEU A 6 30.40 -22.85 -6.15
C LEU A 6 29.08 -22.11 -6.22
N MSE A 7 27.99 -22.87 -6.13
CA MSE A 7 26.64 -22.30 -6.16
C MSE A 7 26.51 -21.04 -5.28
O MSE A 7 26.06 -19.98 -5.75
CB MSE A 7 25.64 -23.36 -5.72
CG MSE A 7 25.48 -24.51 -6.74
SE MSE A 7 25.14 -26.26 -5.98
CE MSE A 7 26.91 -27.01 -6.19
N ARG A 8 26.87 -21.19 -4.00
CA ARG A 8 26.84 -20.11 -3.02
C ARG A 8 27.49 -18.85 -3.59
N LEU A 9 28.52 -19.06 -4.39
CA LEU A 9 29.27 -17.97 -5.00
C LEU A 9 28.55 -17.43 -6.22
N MSE A 10 28.20 -18.35 -7.13
CA MSE A 10 27.50 -18.02 -8.35
C MSE A 10 26.38 -17.01 -8.10
O MSE A 10 26.26 -15.99 -8.81
CB MSE A 10 26.92 -19.29 -8.94
CG MSE A 10 27.96 -20.34 -9.25
SE MSE A 10 28.41 -20.25 -11.10
CE MSE A 10 26.95 -21.34 -11.72
N LYS A 11 25.57 -17.28 -7.07
CA LYS A 11 24.45 -16.40 -6.73
C LYS A 11 24.89 -15.18 -5.93
N ARG A 12 25.83 -15.40 -5.02
CA ARG A 12 26.34 -14.31 -4.21
C ARG A 12 26.81 -13.27 -5.23
N ARG A 13 27.18 -13.76 -6.41
CA ARG A 13 27.63 -12.90 -7.49
C ARG A 13 26.49 -12.04 -8.00
N ILE A 14 25.33 -12.64 -8.22
CA ILE A 14 24.17 -11.91 -8.71
C ILE A 14 23.66 -10.89 -7.70
N LEU A 15 23.52 -11.30 -6.46
CA LEU A 15 23.06 -10.36 -5.47
C LEU A 15 24.01 -9.18 -5.43
N GLU A 16 25.30 -9.46 -5.62
CA GLU A 16 26.30 -8.40 -5.60
C GLU A 16 26.33 -7.67 -6.92
N SER A 17 25.43 -8.06 -7.82
CA SER A 17 25.33 -7.41 -9.11
C SER A 17 25.01 -5.93 -8.84
N TYR A 18 25.17 -5.09 -9.85
CA TYR A 18 24.86 -3.68 -9.67
C TYR A 18 23.36 -3.46 -9.81
N ARG A 19 22.83 -3.88 -10.96
CA ARG A 19 21.42 -3.71 -11.23
C ARG A 19 20.57 -4.22 -10.08
N TRP A 20 21.03 -5.28 -9.43
CA TRP A 20 20.30 -5.84 -8.30
C TRP A 20 20.38 -4.91 -7.10
N GLN A 21 21.60 -4.69 -6.64
CA GLN A 21 21.87 -3.84 -5.49
C GLN A 21 21.12 -2.52 -5.54
N GLU A 22 21.06 -1.93 -6.73
CA GLU A 22 20.40 -0.66 -6.91
C GLU A 22 18.89 -0.71 -7.09
N ASP A 23 18.38 -1.78 -7.70
CA ASP A 23 16.95 -1.91 -7.98
C ASP A 23 16.16 -2.81 -7.04
N VAL A 24 16.86 -3.64 -6.29
CA VAL A 24 16.17 -4.61 -5.45
C VAL A 24 16.65 -4.71 -4.02
N VAL A 25 17.85 -5.25 -3.84
CA VAL A 25 18.42 -5.46 -2.53
C VAL A 25 18.42 -4.22 -1.64
N LYS A 26 18.87 -3.11 -2.19
CA LYS A 26 18.94 -1.84 -1.47
C LYS A 26 17.55 -1.22 -1.34
N PRO A 27 16.88 -0.95 -2.47
CA PRO A 27 15.54 -0.36 -2.48
C PRO A 27 14.60 -0.99 -1.45
N LEU A 28 14.58 -2.32 -1.36
CA LEU A 28 13.72 -3.02 -0.42
C LEU A 28 14.20 -2.76 1.01
N SER A 29 14.39 -1.47 1.31
CA SER A 29 14.80 -0.99 2.62
C SER A 29 13.54 -0.63 3.39
N ARG A 30 12.41 -0.78 2.72
CA ARG A 30 11.12 -0.47 3.30
C ARG A 30 10.73 -1.34 4.49
N GLU A 31 11.60 -2.26 4.91
CA GLU A 31 11.31 -3.12 6.07
C GLU A 31 12.23 -2.77 7.20
N LEU A 32 12.47 -1.49 7.42
CA LEU A 32 13.43 -1.16 8.45
C LEU A 32 14.65 -1.93 7.88
N GLU A 33 14.48 -2.35 6.62
CA GLU A 33 15.44 -3.11 5.80
C GLU A 33 16.42 -3.99 6.56
N ILE A 34 16.11 -4.29 7.82
CA ILE A 34 16.97 -5.11 8.66
C ILE A 34 18.34 -5.23 8.00
N ASP A 35 18.97 -4.08 7.80
CA ASP A 35 20.26 -4.00 7.16
C ASP A 35 20.41 -4.89 5.95
N VAL A 36 20.52 -4.22 4.81
CA VAL A 36 20.70 -4.88 3.53
C VAL A 36 21.41 -6.21 3.71
N GLU A 37 22.56 -6.15 4.36
CA GLU A 37 23.36 -7.34 4.60
C GLU A 37 22.46 -8.54 4.80
N GLU A 38 21.66 -8.51 5.86
CA GLU A 38 20.78 -9.63 6.15
C GLU A 38 19.91 -10.02 4.97
N PHE A 39 19.08 -9.10 4.52
CA PHE A 39 18.17 -9.34 3.41
C PHE A 39 18.85 -10.20 2.37
N GLN A 40 20.03 -9.78 1.98
CA GLN A 40 20.82 -10.49 0.99
C GLN A 40 20.93 -11.98 1.34
N ASP A 41 21.21 -12.27 2.61
CA ASP A 41 21.33 -13.63 3.08
C ASP A 41 19.99 -14.34 3.03
N ILE A 42 18.92 -13.56 3.27
CA ILE A 42 17.57 -14.11 3.24
C ILE A 42 17.30 -14.56 1.83
N LEU A 43 17.59 -13.67 0.87
CA LEU A 43 17.39 -14.02 -0.53
C LEU A 43 18.23 -15.26 -0.79
N MSE A 44 19.50 -15.19 -0.40
CA MSE A 44 20.42 -16.30 -0.55
C MSE A 44 19.78 -17.56 0.01
O MSE A 44 19.85 -18.62 -0.59
CB MSE A 44 21.71 -16.03 0.23
CG MSE A 44 22.67 -15.11 -0.47
SE MSE A 44 23.42 -15.95 -2.02
CE MSE A 44 24.42 -17.31 -1.12
N ASP A 45 19.16 -17.40 1.17
CA ASP A 45 18.51 -18.51 1.85
C ASP A 45 17.23 -19.01 1.21
N LYS A 46 16.41 -18.09 0.69
CA LYS A 46 15.14 -18.51 0.10
C LYS A 46 15.22 -18.89 -1.37
N LEU A 47 15.46 -17.90 -2.23
CA LEU A 47 15.52 -18.14 -3.68
C LEU A 47 16.64 -19.08 -4.17
N ASP A 48 16.31 -19.96 -5.09
CA ASP A 48 17.30 -20.89 -5.65
C ASP A 48 17.99 -20.24 -6.83
N MSE A 49 18.94 -20.95 -7.41
CA MSE A 49 19.70 -20.45 -8.55
C MSE A 49 18.86 -20.08 -9.78
O MSE A 49 18.98 -18.97 -10.29
CB MSE A 49 20.76 -21.48 -8.95
CG MSE A 49 22.17 -21.10 -8.55
SE MSE A 49 22.75 -19.60 -9.59
CE MSE A 49 23.93 -20.54 -10.80
N SER A 50 18.05 -21.00 -10.26
CA SER A 50 17.21 -20.74 -11.42
C SER A 50 16.40 -19.48 -11.20
N SER A 51 15.84 -19.37 -10.00
CA SER A 51 15.06 -18.20 -9.64
C SER A 51 15.86 -16.93 -9.85
N LEU A 52 17.01 -16.86 -9.21
CA LEU A 52 17.88 -15.70 -9.31
C LEU A 52 18.22 -15.25 -10.72
N GLU A 53 18.59 -16.19 -11.58
CA GLU A 53 18.90 -15.85 -12.97
C GLU A 53 17.58 -15.93 -13.73
N ALA A 54 16.62 -15.13 -13.29
CA ALA A 54 15.28 -15.09 -13.88
C ALA A 54 14.48 -13.91 -13.29
N LEU A 55 14.81 -13.56 -12.05
CA LEU A 55 14.13 -12.50 -11.32
C LEU A 55 14.11 -11.09 -11.88
N HIS A 56 15.29 -10.50 -12.05
CA HIS A 56 15.37 -9.12 -12.52
C HIS A 56 14.43 -8.74 -13.65
N PRO A 57 14.57 -9.37 -14.83
CA PRO A 57 13.66 -9.01 -15.92
C PRO A 57 12.23 -9.00 -15.38
N ARG A 58 11.85 -10.10 -14.73
CA ARG A 58 10.51 -10.26 -14.19
C ARG A 58 10.23 -9.13 -13.24
N PHE A 59 11.26 -8.69 -12.56
CA PHE A 59 11.15 -7.60 -11.61
C PHE A 59 10.91 -6.27 -12.32
N GLU A 60 11.62 -6.04 -13.41
CA GLU A 60 11.45 -4.80 -14.16
C GLU A 60 10.07 -4.67 -14.78
N SER A 61 9.48 -5.80 -15.15
CA SER A 61 8.17 -5.76 -15.79
C SER A 61 7.03 -5.63 -14.81
N ALA A 62 7.32 -5.67 -13.52
CA ALA A 62 6.26 -5.55 -12.53
C ALA A 62 6.44 -4.30 -11.70
N ARG A 63 7.64 -3.73 -11.76
CA ARG A 63 7.95 -2.51 -11.03
C ARG A 63 6.78 -1.53 -11.16
N PRO A 64 6.25 -1.34 -12.39
CA PRO A 64 5.12 -0.40 -12.59
C PRO A 64 3.85 -0.81 -11.84
N ARG A 65 3.41 -2.03 -12.11
CA ARG A 65 2.23 -2.60 -11.47
C ARG A 65 2.31 -2.47 -9.95
N CYS A 66 3.47 -2.80 -9.38
CA CYS A 66 3.63 -2.73 -7.95
C CYS A 66 3.60 -1.32 -7.40
N ILE A 67 3.95 -0.35 -8.24
CA ILE A 67 3.93 1.03 -7.80
C ILE A 67 2.52 1.57 -7.78
N ARG A 68 1.74 1.20 -8.80
CA ARG A 68 0.36 1.65 -8.87
C ARG A 68 -0.31 1.18 -7.61
N GLU A 69 -0.11 -0.10 -7.28
CA GLU A 69 -0.70 -0.66 -6.08
C GLU A 69 -0.38 0.22 -4.88
N LYS A 70 0.91 0.48 -4.67
CA LYS A 70 1.37 1.31 -3.55
C LYS A 70 0.63 2.65 -3.59
N LEU A 71 0.60 3.27 -4.77
CA LEU A 71 -0.08 4.55 -4.92
C LEU A 71 -1.54 4.48 -4.53
N HIS A 72 -2.24 3.53 -5.15
CA HIS A 72 -3.65 3.36 -4.87
C HIS A 72 -3.88 3.35 -3.36
N SER A 73 -3.05 2.57 -2.68
CA SER A 73 -3.13 2.44 -1.23
C SER A 73 -2.81 3.73 -0.52
N ASP A 74 -1.57 4.19 -0.68
CA ASP A 74 -1.14 5.42 -0.04
C ASP A 74 -2.07 6.61 -0.27
N LEU A 75 -2.72 6.64 -1.43
CA LEU A 75 -3.63 7.72 -1.76
C LEU A 75 -5.07 7.44 -1.35
N GLN A 76 -5.23 6.58 -0.35
CA GLN A 76 -6.55 6.25 0.17
C GLN A 76 -7.60 6.08 -0.92
N LEU A 77 -7.20 5.42 -2.01
CA LEU A 77 -8.11 5.20 -3.11
C LEU A 77 -9.09 4.06 -2.91
N CYS A 78 -8.77 3.17 -1.98
CA CYS A 78 -9.68 2.07 -1.70
C CYS A 78 -10.99 2.73 -1.31
N TRP A 79 -10.87 3.81 -0.53
CA TRP A 79 -12.02 4.56 -0.03
C TRP A 79 -12.55 5.56 -1.02
N LEU A 80 -11.68 6.47 -1.41
CA LEU A 80 -12.09 7.50 -2.33
C LEU A 80 -12.75 6.97 -3.60
N VAL A 81 -12.41 5.76 -4.01
CA VAL A 81 -12.99 5.25 -5.22
C VAL A 81 -13.83 4.01 -5.00
N ASP A 82 -13.18 2.87 -4.79
CA ASP A 82 -13.88 1.62 -4.61
C ASP A 82 -15.08 1.69 -3.66
N VAL A 83 -14.94 2.45 -2.58
CA VAL A 83 -16.00 2.55 -1.59
C VAL A 83 -16.94 3.75 -1.70
N MSE A 84 -16.40 4.94 -1.46
CA MSE A 84 -17.21 6.14 -1.51
C MSE A 84 -17.52 6.60 -2.93
O MSE A 84 -18.61 7.09 -3.21
CB MSE A 84 -16.54 7.25 -0.69
CG MSE A 84 -16.16 6.79 0.71
SE MSE A 84 -15.59 8.18 1.92
CE MSE A 84 -13.71 8.16 1.63
N GLU A 85 -16.57 6.43 -3.84
CA GLU A 85 -16.78 6.86 -5.22
C GLU A 85 -16.73 8.38 -5.35
N ILE A 86 -15.99 9.02 -4.46
CA ILE A 86 -15.80 10.46 -4.46
C ILE A 86 -14.98 10.84 -5.70
N ILE A 87 -14.20 9.88 -6.19
CA ILE A 87 -13.37 10.09 -7.37
C ILE A 87 -13.58 9.08 -8.51
N SER A 88 -13.78 9.61 -9.71
CA SER A 88 -14.03 8.76 -10.85
C SER A 88 -12.85 7.84 -11.08
N VAL A 89 -13.16 6.66 -11.60
CA VAL A 89 -12.12 5.68 -11.90
C VAL A 89 -11.17 6.30 -12.92
N ASP A 90 -11.77 6.97 -13.90
CA ASP A 90 -11.02 7.62 -14.95
C ASP A 90 -10.00 8.53 -14.31
N ASP A 91 -10.45 9.39 -13.42
CA ASP A 91 -9.55 10.31 -12.71
C ASP A 91 -8.45 9.49 -12.03
N ALA A 92 -8.89 8.53 -11.21
CA ALA A 92 -7.98 7.69 -10.45
C ALA A 92 -6.87 7.07 -11.28
N GLU A 93 -7.25 6.38 -12.34
CA GLU A 93 -6.29 5.71 -13.20
C GLU A 93 -5.30 6.70 -13.76
N ALA A 94 -5.82 7.79 -14.31
CA ALA A 94 -4.99 8.84 -14.88
C ALA A 94 -3.95 9.26 -13.88
N LEU A 95 -4.39 9.63 -12.68
CA LEU A 95 -3.51 10.07 -11.60
C LEU A 95 -2.43 9.05 -11.28
N LYS A 96 -2.82 7.79 -11.20
CA LYS A 96 -1.86 6.74 -10.90
C LYS A 96 -0.85 6.65 -12.03
N ASP A 97 -1.31 6.89 -13.26
CA ASP A 97 -0.44 6.83 -14.42
C ASP A 97 0.70 7.82 -14.31
N GLU A 98 0.33 9.10 -14.27
CA GLU A 98 1.30 10.18 -14.18
C GLU A 98 2.26 10.08 -13.01
N ILE A 99 1.78 9.70 -11.83
CA ILE A 99 2.69 9.59 -10.68
C ILE A 99 3.65 8.45 -10.95
N THR A 100 3.11 7.33 -11.42
CA THR A 100 3.92 6.18 -11.73
C THR A 100 4.93 6.56 -12.81
N GLU A 101 4.46 7.31 -13.79
CA GLU A 101 5.33 7.74 -14.86
C GLU A 101 6.56 8.38 -14.22
N LEU A 102 6.31 9.23 -13.24
CA LEU A 102 7.37 9.92 -12.53
C LEU A 102 8.35 9.00 -11.84
N VAL A 103 7.84 8.25 -10.87
CA VAL A 103 8.67 7.35 -10.10
C VAL A 103 9.46 6.42 -11.00
N LEU A 104 8.87 6.04 -12.12
CA LEU A 104 9.54 5.15 -13.06
C LEU A 104 10.68 5.87 -13.75
N ALA A 105 10.62 7.19 -13.74
CA ALA A 105 11.66 7.98 -14.39
C ALA A 105 12.68 8.46 -13.38
N GLY A 106 12.73 7.82 -12.22
CA GLY A 106 13.71 8.19 -11.20
C GLY A 106 13.18 8.96 -10.01
N ARG A 107 12.00 9.56 -10.15
CA ARG A 107 11.40 10.33 -9.07
C ARG A 107 11.37 9.49 -7.79
N GLU A 108 11.78 10.10 -6.68
CA GLU A 108 11.76 9.41 -5.39
C GLU A 108 10.32 9.16 -4.97
N TYR A 109 9.94 7.90 -4.77
CA TYR A 109 8.56 7.60 -4.38
C TYR A 109 8.06 8.63 -3.41
N SER A 110 8.73 8.71 -2.27
CA SER A 110 8.41 9.64 -1.22
C SER A 110 7.99 10.93 -1.86
N GLU A 111 8.93 11.59 -2.50
CA GLU A 111 8.63 12.86 -3.13
C GLU A 111 7.48 12.76 -4.12
N ALA A 112 7.48 11.72 -4.95
CA ALA A 112 6.43 11.52 -5.95
C ALA A 112 5.02 11.40 -5.34
N LEU A 113 4.91 10.69 -4.23
CA LEU A 113 3.63 10.51 -3.56
C LEU A 113 3.07 11.87 -3.13
N SER A 114 3.95 12.73 -2.64
CA SER A 114 3.54 14.06 -2.19
C SER A 114 2.86 14.80 -3.32
N GLU A 115 3.47 14.76 -4.50
CA GLU A 115 2.92 15.42 -5.68
C GLU A 115 1.56 14.81 -6.03
N GLY A 116 1.43 13.50 -5.82
CA GLY A 116 0.18 12.82 -6.11
C GLY A 116 -0.91 13.24 -5.13
N ARG A 117 -0.47 13.49 -3.90
CA ARG A 117 -1.35 13.93 -2.84
C ARG A 117 -1.90 15.27 -3.34
N ARG A 118 -0.99 16.12 -3.81
CA ARG A 118 -1.35 17.43 -4.34
C ARG A 118 -2.40 17.36 -5.46
N ARG A 119 -2.06 16.70 -6.56
CA ARG A 119 -3.01 16.62 -7.65
C ARG A 119 -4.32 15.97 -7.21
N LEU A 120 -4.26 15.16 -6.17
CA LEU A 120 -5.46 14.51 -5.64
C LEU A 120 -6.36 15.57 -5.05
N HIS A 121 -5.83 16.27 -4.04
CA HIS A 121 -6.57 17.35 -3.37
C HIS A 121 -7.22 18.20 -4.43
N GLU A 122 -6.45 18.49 -5.47
CA GLU A 122 -6.93 19.27 -6.58
C GLU A 122 -8.26 18.68 -7.04
N ILE A 123 -8.19 17.43 -7.49
CA ILE A 123 -9.36 16.72 -7.98
C ILE A 123 -10.51 16.79 -7.00
N LEU A 124 -10.24 16.45 -5.75
CA LEU A 124 -11.28 16.47 -4.73
C LEU A 124 -11.97 17.82 -4.70
N ARG A 125 -11.19 18.88 -4.78
CA ARG A 125 -11.73 20.23 -4.77
C ARG A 125 -12.09 20.69 -6.19
N SER A 126 -12.96 19.93 -6.86
CA SER A 126 -13.38 20.26 -8.22
C SER A 126 -14.86 20.02 -8.40
N GLU B 5 -32.88 24.97 1.85
CA GLU B 5 -31.73 25.05 2.82
C GLU B 5 -31.64 23.73 3.57
N LEU B 6 -32.79 23.08 3.72
CA LEU B 6 -32.90 21.82 4.42
C LEU B 6 -31.83 20.78 4.08
N MSE B 7 -31.82 20.33 2.83
CA MSE B 7 -30.85 19.32 2.38
C MSE B 7 -29.44 19.55 2.93
O MSE B 7 -28.85 18.67 3.57
CB MSE B 7 -30.79 19.30 0.86
CG MSE B 7 -32.12 19.06 0.20
SE MSE B 7 -31.81 18.93 -1.68
CE MSE B 7 -30.81 17.27 -1.66
N ARG B 8 -28.91 20.74 2.67
CA ARG B 8 -27.59 21.09 3.14
C ARG B 8 -27.45 20.74 4.60
N LEU B 9 -28.56 20.80 5.32
CA LEU B 9 -28.56 20.53 6.75
C LEU B 9 -28.69 19.04 7.03
N MSE B 10 -29.72 18.43 6.45
CA MSE B 10 -29.95 17.01 6.64
C MSE B 10 -28.64 16.23 6.54
O MSE B 10 -28.38 15.37 7.38
CB MSE B 10 -30.96 16.52 5.60
CG MSE B 10 -32.37 16.99 5.89
SE MSE B 10 -33.53 16.97 4.36
CE MSE B 10 -34.00 15.09 4.37
N LYS B 11 -27.82 16.54 5.55
CA LYS B 11 -26.55 15.82 5.40
C LYS B 11 -25.50 16.37 6.35
N ARG B 12 -25.46 17.69 6.47
CA ARG B 12 -24.52 18.34 7.36
C ARG B 12 -24.68 17.63 8.69
N ARG B 13 -25.87 17.05 8.90
CA ARG B 13 -26.18 16.35 10.12
C ARG B 13 -25.45 15.01 10.18
N ILE B 14 -25.45 14.28 9.06
CA ILE B 14 -24.78 12.97 9.02
C ILE B 14 -23.25 13.08 9.12
N LEU B 15 -22.67 14.10 8.50
CA LEU B 15 -21.22 14.25 8.59
C LEU B 15 -20.88 14.58 10.04
N GLU B 16 -21.76 15.33 10.70
CA GLU B 16 -21.59 15.71 12.11
C GLU B 16 -21.90 14.52 12.99
N SER B 17 -22.36 13.44 12.37
CA SER B 17 -22.68 12.20 13.08
C SER B 17 -21.43 11.81 13.85
N TYR B 18 -21.57 11.03 14.90
CA TYR B 18 -20.39 10.62 15.65
C TYR B 18 -19.72 9.44 14.95
N ARG B 19 -20.52 8.47 14.54
CA ARG B 19 -19.99 7.29 13.86
C ARG B 19 -19.17 7.70 12.65
N TRP B 20 -19.63 8.70 11.93
CA TRP B 20 -18.92 9.19 10.76
C TRP B 20 -17.62 9.87 11.16
N GLN B 21 -17.75 10.93 11.95
CA GLN B 21 -16.62 11.71 12.43
C GLN B 21 -15.45 10.87 12.96
N GLU B 22 -15.78 9.79 13.67
CA GLU B 22 -14.75 8.91 14.24
C GLU B 22 -14.28 7.77 13.35
N ASP B 23 -15.15 7.35 12.43
CA ASP B 23 -14.85 6.24 11.54
C ASP B 23 -14.43 6.65 10.13
N VAL B 24 -14.77 7.87 9.72
CA VAL B 24 -14.45 8.30 8.36
C VAL B 24 -13.86 9.69 8.19
N VAL B 25 -14.64 10.70 8.54
CA VAL B 25 -14.22 12.07 8.39
C VAL B 25 -12.85 12.40 9.00
N LYS B 26 -12.68 12.07 10.27
CA LYS B 26 -11.42 12.34 10.96
C LYS B 26 -10.33 11.37 10.50
N PRO B 27 -10.63 10.05 10.55
CA PRO B 27 -9.69 9.00 10.15
C PRO B 27 -8.96 9.38 8.88
N LEU B 28 -9.72 9.70 7.84
CA LEU B 28 -9.13 10.09 6.57
C LEU B 28 -8.32 11.38 6.73
N SER B 29 -7.37 11.35 7.66
CA SER B 29 -6.49 12.47 7.93
C SER B 29 -5.24 12.11 7.15
N ARG B 30 -5.26 10.93 6.56
CA ARG B 30 -4.13 10.45 5.80
C ARG B 30 -3.72 11.31 4.62
N GLU B 31 -4.36 12.48 4.49
CA GLU B 31 -4.03 13.42 3.41
C GLU B 31 -3.48 14.73 3.98
N VAL B 36 -9.50 18.65 8.43
CA VAL B 36 -10.75 17.90 8.46
C VAL B 36 -11.91 18.76 8.01
N GLU B 37 -11.98 19.98 8.55
CA GLU B 37 -13.03 20.91 8.19
C GLU B 37 -13.35 20.80 6.70
N GLU B 38 -12.33 21.07 5.88
CA GLU B 38 -12.49 21.04 4.44
C GLU B 38 -13.06 19.74 3.93
N PHE B 39 -12.35 18.64 4.17
CA PHE B 39 -12.80 17.33 3.72
C PHE B 39 -14.32 17.24 3.84
N GLN B 40 -14.82 17.61 5.01
CA GLN B 40 -16.24 17.59 5.26
C GLN B 40 -16.98 18.27 4.12
N ASP B 41 -16.53 19.47 3.77
CA ASP B 41 -17.16 20.23 2.69
C ASP B 41 -17.03 19.52 1.37
N ILE B 42 -15.89 18.87 1.17
CA ILE B 42 -15.62 18.14 -0.05
C ILE B 42 -16.64 17.05 -0.18
N LEU B 43 -16.84 16.33 0.92
CA LEU B 43 -17.82 15.27 0.94
C LEU B 43 -19.18 15.92 0.65
N MSE B 44 -19.47 16.99 1.38
CA MSE B 44 -20.72 17.73 1.22
C MSE B 44 -20.88 18.06 -0.26
O MSE B 44 -21.95 17.86 -0.85
CB MSE B 44 -20.65 19.04 2.02
CG MSE B 44 -22.00 19.51 2.55
SE MSE B 44 -22.48 18.74 4.25
CE MSE B 44 -22.43 16.89 3.81
N ASP B 45 -19.78 18.54 -0.82
CA ASP B 45 -19.67 18.92 -2.22
C ASP B 45 -19.85 17.77 -3.22
N LYS B 46 -19.21 16.64 -2.97
CA LYS B 46 -19.28 15.50 -3.88
C LYS B 46 -20.47 14.55 -3.79
N LEU B 47 -20.65 13.93 -2.63
CA LEU B 47 -21.72 12.97 -2.44
C LEU B 47 -23.10 13.57 -2.24
N ASP B 48 -24.10 12.94 -2.84
CA ASP B 48 -25.48 13.40 -2.72
C ASP B 48 -26.14 12.71 -1.53
N MSE B 49 -27.35 13.15 -1.20
CA MSE B 49 -28.11 12.62 -0.06
C MSE B 49 -28.23 11.11 0.01
O MSE B 49 -27.80 10.49 0.99
CB MSE B 49 -29.52 13.23 -0.07
CG MSE B 49 -30.31 12.97 1.19
SE MSE B 49 -29.48 13.83 2.67
CE MSE B 49 -30.18 15.59 2.39
N SER B 50 -28.82 10.51 -1.01
CA SER B 50 -29.00 9.07 -1.03
C SER B 50 -27.68 8.40 -0.69
N SER B 51 -26.60 8.91 -1.26
CA SER B 51 -25.29 8.35 -1.01
C SER B 51 -24.96 8.39 0.47
N LEU B 52 -25.07 9.57 1.07
CA LEU B 52 -24.78 9.75 2.48
C LEU B 52 -25.50 8.75 3.37
N GLU B 53 -26.80 8.61 3.14
CA GLU B 53 -27.60 7.69 3.92
C GLU B 53 -27.51 6.32 3.28
N ALA B 54 -26.29 5.77 3.24
CA ALA B 54 -26.04 4.45 2.65
C ALA B 54 -24.56 4.06 2.75
N LEU B 55 -23.70 5.06 2.87
CA LEU B 55 -22.27 4.81 2.93
C LEU B 55 -21.72 4.10 4.17
N HIS B 56 -21.97 4.63 5.37
CA HIS B 56 -21.46 4.02 6.61
C HIS B 56 -21.48 2.49 6.61
N PRO B 57 -22.66 1.88 6.39
CA PRO B 57 -22.77 0.42 6.37
C PRO B 57 -21.76 -0.19 5.42
N ARG B 58 -21.87 0.21 4.16
CA ARG B 58 -21.00 -0.26 3.11
C ARG B 58 -19.56 0.01 3.55
N PHE B 59 -19.37 1.08 4.31
CA PHE B 59 -18.04 1.46 4.82
C PHE B 59 -17.50 0.43 5.78
N GLU B 60 -18.32 0.05 6.75
CA GLU B 60 -17.89 -0.91 7.76
C GLU B 60 -17.61 -2.29 7.17
N SER B 61 -18.32 -2.65 6.12
CA SER B 61 -18.13 -3.95 5.46
C SER B 61 -16.90 -4.00 4.54
N ALA B 62 -16.22 -2.87 4.38
CA ALA B 62 -15.05 -2.80 3.51
C ALA B 62 -13.82 -2.30 4.27
N ARG B 63 -14.01 -1.88 5.52
CA ARG B 63 -12.89 -1.39 6.34
C ARG B 63 -11.78 -2.46 6.42
N PRO B 64 -12.16 -3.76 6.52
CA PRO B 64 -11.18 -4.85 6.58
C PRO B 64 -10.41 -4.90 5.29
N ARG B 65 -11.15 -5.10 4.20
CA ARG B 65 -10.57 -5.17 2.87
C ARG B 65 -9.56 -4.06 2.62
N CYS B 66 -9.98 -2.83 2.88
CA CYS B 66 -9.12 -1.67 2.67
C CYS B 66 -7.86 -1.70 3.49
N ILE B 67 -7.93 -2.32 4.66
CA ILE B 67 -6.76 -2.39 5.50
C ILE B 67 -5.83 -3.49 5.00
N ARG B 68 -6.37 -4.65 4.63
CA ARG B 68 -5.51 -5.70 4.13
C ARG B 68 -4.73 -5.09 3.00
N GLU B 69 -5.43 -4.40 2.10
CA GLU B 69 -4.77 -3.79 0.94
C GLU B 69 -3.61 -2.91 1.36
N LYS B 70 -3.87 -2.06 2.35
CA LYS B 70 -2.85 -1.17 2.89
C LYS B 70 -1.69 -2.00 3.43
N LEU B 71 -2.01 -3.05 4.17
CA LEU B 71 -0.99 -3.93 4.71
C LEU B 71 -0.17 -4.55 3.60
N HIS B 72 -0.83 -5.25 2.68
CA HIS B 72 -0.15 -5.88 1.56
C HIS B 72 0.92 -4.93 1.02
N SER B 73 0.47 -3.71 0.78
CA SER B 73 1.29 -2.65 0.25
C SER B 73 2.42 -2.35 1.18
N ASP B 74 2.10 -1.71 2.29
CA ASP B 74 3.11 -1.34 3.28
C ASP B 74 4.13 -2.43 3.62
N LEU B 75 3.69 -3.68 3.54
CA LEU B 75 4.57 -4.81 3.85
C LEU B 75 5.35 -5.31 2.65
N GLN B 76 5.47 -4.45 1.63
CA GLN B 76 6.21 -4.77 0.41
C GLN B 76 5.85 -6.16 -0.10
N LEU B 77 4.61 -6.56 0.10
CA LEU B 77 4.21 -7.89 -0.33
C LEU B 77 4.03 -8.09 -1.82
N CYS B 78 4.07 -6.99 -2.58
CA CYS B 78 3.93 -7.09 -4.04
C CYS B 78 5.21 -7.75 -4.55
N TRP B 79 6.31 -7.48 -3.88
CA TRP B 79 7.60 -8.04 -4.24
C TRP B 79 7.84 -9.36 -3.56
N LEU B 80 7.78 -9.36 -2.24
CA LEU B 80 8.01 -10.54 -1.44
C LEU B 80 7.18 -11.75 -1.86
N VAL B 81 6.00 -11.48 -2.43
CA VAL B 81 5.13 -12.57 -2.84
C VAL B 81 4.83 -12.63 -4.32
N ASP B 82 3.98 -11.72 -4.80
CA ASP B 82 3.62 -11.74 -6.22
C ASP B 82 4.85 -11.90 -7.11
N VAL B 83 5.90 -11.14 -6.86
CA VAL B 83 7.08 -11.21 -7.71
C VAL B 83 8.17 -12.19 -7.33
N MSE B 84 8.85 -11.91 -6.22
CA MSE B 84 9.94 -12.78 -5.79
C MSE B 84 9.52 -14.12 -5.24
O MSE B 84 10.23 -15.13 -5.44
CB MSE B 84 10.80 -12.03 -4.76
CG MSE B 84 11.27 -10.67 -5.30
SE MSE B 84 12.32 -9.64 -4.08
CE MSE B 84 13.88 -10.76 -4.10
N GLU B 85 8.37 -14.17 -4.58
CA GLU B 85 7.87 -15.42 -4.01
C GLU B 85 8.77 -15.92 -2.88
N ILE B 86 9.30 -14.99 -2.11
CA ILE B 86 10.17 -15.33 -0.99
C ILE B 86 9.26 -15.73 0.16
N ILE B 87 8.00 -15.33 0.07
CA ILE B 87 7.03 -15.64 1.10
C ILE B 87 5.82 -16.38 0.54
N SER B 88 5.44 -17.48 1.18
CA SER B 88 4.30 -18.25 0.68
C SER B 88 3.00 -17.46 0.81
N VAL B 89 2.10 -17.66 -0.15
CA VAL B 89 0.82 -16.97 -0.10
C VAL B 89 0.18 -17.25 1.24
N ASP B 90 0.22 -18.52 1.64
CA ASP B 90 -0.35 -18.91 2.92
C ASP B 90 0.18 -18.05 4.03
N ASP B 91 1.50 -17.99 4.14
CA ASP B 91 2.07 -17.19 5.20
C ASP B 91 1.52 -15.79 5.11
N ALA B 92 1.59 -15.21 3.91
CA ALA B 92 1.14 -13.83 3.67
C ALA B 92 -0.31 -13.56 4.07
N GLU B 93 -1.22 -14.39 3.56
CA GLU B 93 -2.64 -14.21 3.87
C GLU B 93 -2.81 -14.26 5.39
N ALA B 94 -2.21 -15.26 6.00
CA ALA B 94 -2.29 -15.42 7.44
C ALA B 94 -1.90 -14.10 8.15
N LEU B 95 -0.70 -13.63 7.86
CA LEU B 95 -0.16 -12.42 8.44
C LEU B 95 -1.10 -11.24 8.24
N LYS B 96 -1.65 -11.12 7.06
CA LYS B 96 -2.57 -10.03 6.77
C LYS B 96 -3.79 -10.15 7.67
N ASP B 97 -4.22 -11.39 7.90
CA ASP B 97 -5.37 -11.66 8.76
C ASP B 97 -5.13 -11.09 10.15
N GLU B 98 -4.15 -11.69 10.82
CA GLU B 98 -3.77 -11.33 12.18
C GLU B 98 -3.65 -9.85 12.44
N ILE B 99 -2.93 -9.15 11.56
CA ILE B 99 -2.75 -7.74 11.75
C ILE B 99 -4.03 -6.98 11.52
N THR B 100 -4.78 -7.39 10.51
CA THR B 100 -6.06 -6.74 10.23
C THR B 100 -6.95 -6.97 11.47
N GLU B 101 -6.89 -8.20 11.98
CA GLU B 101 -7.64 -8.57 13.18
C GLU B 101 -7.39 -7.50 14.23
N LEU B 102 -6.12 -7.23 14.47
CA LEU B 102 -5.70 -6.24 15.45
C LEU B 102 -6.29 -4.89 15.17
N VAL B 103 -5.91 -4.31 14.05
CA VAL B 103 -6.39 -2.98 13.67
C VAL B 103 -7.90 -2.87 13.80
N LEU B 104 -8.62 -3.93 13.46
CA LEU B 104 -10.07 -3.92 13.55
C LEU B 104 -10.56 -3.92 14.98
N ALA B 105 -9.67 -4.22 15.91
CA ALA B 105 -10.01 -4.26 17.33
C ALA B 105 -9.54 -3.01 18.07
N GLY B 106 -9.25 -1.95 17.33
CA GLY B 106 -8.80 -0.73 17.96
C GLY B 106 -7.32 -0.42 17.80
N ARG B 107 -6.51 -1.44 17.53
CA ARG B 107 -5.07 -1.25 17.37
C ARG B 107 -4.79 -0.15 16.36
N GLU B 108 -3.87 0.76 16.71
CA GLU B 108 -3.50 1.84 15.80
C GLU B 108 -2.74 1.29 14.59
N TYR B 109 -3.30 1.48 13.39
CA TYR B 109 -2.65 0.99 12.16
C TYR B 109 -1.15 1.16 12.30
N SER B 110 -0.73 2.40 12.53
CA SER B 110 0.66 2.72 12.69
C SER B 110 1.33 1.65 13.55
N GLU B 111 0.88 1.53 14.79
CA GLU B 111 1.46 0.55 15.70
C GLU B 111 1.31 -0.87 15.18
N ALA B 112 0.15 -1.20 14.64
CA ALA B 112 -0.11 -2.54 14.12
C ALA B 112 0.86 -2.93 12.99
N LEU B 113 1.08 -1.99 12.07
CA LEU B 113 1.96 -2.24 10.96
C LEU B 113 3.33 -2.60 11.48
N SER B 114 3.77 -1.94 12.55
CA SER B 114 5.08 -2.23 13.15
C SER B 114 5.14 -3.68 13.59
N GLU B 115 4.06 -4.16 14.21
CA GLU B 115 4.00 -5.54 14.65
C GLU B 115 3.99 -6.49 13.46
N GLY B 116 3.38 -6.07 12.37
CA GLY B 116 3.33 -6.91 11.17
C GLY B 116 4.71 -7.02 10.54
N ARG B 117 5.46 -5.93 10.60
CA ARG B 117 6.81 -5.89 10.06
C ARG B 117 7.60 -6.91 10.85
N ARG B 118 7.40 -6.87 12.16
CA ARG B 118 8.04 -7.78 13.10
C ARG B 118 7.80 -9.23 12.65
N ARG B 119 6.54 -9.66 12.70
CA ARG B 119 6.20 -11.02 12.33
C ARG B 119 6.70 -11.35 10.93
N LEU B 120 6.79 -10.35 10.07
CA LEU B 120 7.25 -10.59 8.72
C LEU B 120 8.72 -11.00 8.77
N HIS B 121 9.53 -10.11 9.36
CA HIS B 121 10.96 -10.37 9.49
C HIS B 121 11.12 -11.78 10.01
N GLU B 122 10.33 -12.14 11.02
CA GLU B 122 10.39 -13.48 11.57
C GLU B 122 10.32 -14.50 10.43
N ILE B 123 9.23 -14.45 9.67
CA ILE B 123 9.00 -15.37 8.56
C ILE B 123 10.17 -15.41 7.57
N LEU B 124 10.64 -14.23 7.18
CA LEU B 124 11.75 -14.14 6.24
C LEU B 124 12.98 -14.88 6.74
N ARG B 125 13.25 -14.77 8.03
CA ARG B 125 14.38 -15.44 8.63
C ARG B 125 13.91 -16.76 9.22
N SER B 126 13.36 -17.59 8.33
CA SER B 126 12.87 -18.90 8.69
C SER B 126 13.21 -19.85 7.55
#